data_1E2H
#
_entry.id   1E2H
#
_cell.length_a   113.900
_cell.length_b   117.300
_cell.length_c   107.900
_cell.angle_alpha   90.00
_cell.angle_beta   90.00
_cell.angle_gamma   90.00
#
_symmetry.space_group_name_H-M   'C 2 2 21'
#
loop_
_entity.id
_entity.type
_entity.pdbx_description
1 polymer 'THYMIDINE KINASE'
2 non-polymer 'SULFATE ION'
3 water water
#
_entity_poly.entity_id   1
_entity_poly.type   'polypeptide(L)'
_entity_poly.pdbx_seq_one_letter_code
;MPTLLRVYIDGPHGMGKTTTTQLLVALGSRDDIVYVPEPMTYWRVLGASETIANIYTTQHRLDQGEISAGDAAVVMTSAQ
ITMGMPYAVTDAVLAPHIGGEAGSSHAPPPALTLIFDRHPIAALLCYPAARYLMGSMTPQAVLAFVALIPPTLPGTNIVL
GALPEDRHIDRLAKRQRPGERLDLAMLAAIRRVYGLLANTVRYLQCGGSWREDWGQLSGTAVPPQGAEPQSNAGPRPHIG
DTLFTLFRAPELLAPNGDLYNVFAWALDVLAKRLRSMHVFILDYDQSPAGCRDALLQLTSGMVQTHVTTPGSIPTICDLA
RTFAREMGEAN
;
_entity_poly.pdbx_strand_id   A,B
#
# COMPACT_ATOMS: atom_id res chain seq x y z
N MET A 1 17.36 -4.54 -26.08
CA MET A 1 17.30 -3.92 -24.74
C MET A 1 18.20 -4.67 -23.76
N PRO A 2 18.88 -3.92 -22.89
CA PRO A 2 19.79 -4.47 -21.92
C PRO A 2 19.16 -5.21 -20.76
N THR A 3 20.00 -6.02 -20.09
CA THR A 3 19.56 -6.82 -18.97
C THR A 3 19.89 -6.25 -17.59
N LEU A 4 18.99 -6.64 -16.67
CA LEU A 4 19.07 -6.22 -15.29
C LEU A 4 18.97 -7.40 -14.33
N LEU A 5 19.76 -7.34 -13.27
CA LEU A 5 19.75 -8.34 -12.22
C LEU A 5 19.43 -7.63 -10.89
N ARG A 6 18.24 -7.93 -10.35
CA ARG A 6 17.86 -7.33 -9.08
C ARG A 6 18.01 -8.39 -7.99
N VAL A 7 18.70 -8.03 -6.91
CA VAL A 7 18.93 -8.95 -5.81
C VAL A 7 18.55 -8.27 -4.49
N TYR A 8 17.56 -8.83 -3.82
CA TYR A 8 17.15 -8.25 -2.54
C TYR A 8 17.72 -9.10 -1.41
N ILE A 9 18.59 -8.48 -0.60
CA ILE A 9 19.18 -9.21 0.54
C ILE A 9 18.24 -8.98 1.72
N ASP A 10 17.62 -10.03 2.21
CA ASP A 10 16.65 -9.84 3.30
C ASP A 10 16.78 -10.93 4.36
N GLY A 11 15.82 -10.97 5.27
CA GLY A 11 15.89 -11.97 6.37
C GLY A 11 16.01 -11.15 7.66
N PRO A 12 16.09 -11.81 8.79
CA PRO A 12 16.18 -11.15 10.07
C PRO A 12 17.37 -10.21 10.17
N HIS A 13 17.21 -9.17 10.98
CA HIS A 13 18.33 -8.24 11.19
C HIS A 13 19.32 -8.94 12.14
N GLY A 14 20.57 -8.54 12.10
CA GLY A 14 21.61 -9.09 12.93
C GLY A 14 22.34 -10.30 12.41
N MET A 15 22.11 -10.75 11.18
CA MET A 15 22.78 -11.91 10.65
C MET A 15 24.08 -11.54 9.94
N GLY A 16 24.16 -10.27 9.55
CA GLY A 16 25.32 -9.78 8.81
C GLY A 16 24.90 -9.36 7.40
N LYS A 17 23.59 -9.20 7.20
CA LYS A 17 23.07 -8.82 5.90
C LYS A 17 23.88 -7.63 5.34
N THR A 18 23.88 -6.54 6.09
CA THR A 18 24.57 -5.33 5.69
C THR A 18 26.07 -5.50 5.56
N THR A 19 26.75 -6.08 6.54
CA THR A 19 28.20 -6.27 6.44
C THR A 19 28.57 -7.00 5.16
N THR A 20 27.92 -8.13 4.92
CA THR A 20 28.10 -8.99 3.77
C THR A 20 27.94 -8.32 2.42
N THR A 21 26.88 -7.54 2.24
CA THR A 21 26.62 -6.87 0.97
C THR A 21 27.58 -5.73 0.68
N GLN A 22 28.02 -5.02 1.72
CA GLN A 22 28.95 -3.91 1.53
C GLN A 22 30.24 -4.44 0.89
N LEU A 23 30.68 -5.60 1.38
CA LEU A 23 31.86 -6.27 0.87
C LEU A 23 31.70 -6.70 -0.59
N LEU A 24 30.49 -7.06 -0.98
CA LEU A 24 30.20 -7.47 -2.35
C LEU A 24 29.74 -6.30 -3.21
N ARG A 30 32.00 -2.78 -9.85
CA ARG A 30 32.41 -1.54 -10.49
C ARG A 30 31.23 -0.59 -10.65
N ASP A 31 30.96 -0.20 -11.89
CA ASP A 31 29.89 0.69 -12.26
C ASP A 31 28.66 -0.11 -12.69
N ASP A 32 28.85 -1.41 -12.93
CA ASP A 32 27.78 -2.30 -13.35
C ASP A 32 27.11 -3.01 -12.18
N ILE A 33 27.31 -2.49 -10.98
CA ILE A 33 26.73 -3.01 -9.77
C ILE A 33 26.57 -1.86 -8.76
N VAL A 34 25.30 -1.59 -8.45
CA VAL A 34 24.95 -0.52 -7.53
C VAL A 34 24.24 -1.09 -6.30
N TYR A 35 24.55 -0.50 -5.15
CA TYR A 35 23.97 -0.93 -3.88
C TYR A 35 22.98 0.07 -3.31
N VAL A 36 21.77 -0.41 -3.03
CA VAL A 36 20.70 0.41 -2.43
C VAL A 36 20.69 0.02 -0.95
N PRO A 37 21.27 0.86 -0.12
CA PRO A 37 21.42 0.58 1.30
C PRO A 37 20.21 0.81 2.15
N GLU A 38 20.38 0.41 3.40
CA GLU A 38 19.34 0.55 4.43
C GLU A 38 19.06 2.04 4.57
N PRO A 39 17.82 2.47 4.46
CA PRO A 39 17.49 3.89 4.56
C PRO A 39 17.48 4.41 5.96
N MET A 40 18.57 4.25 6.71
CA MET A 40 18.66 4.68 8.09
C MET A 40 18.36 6.15 8.32
N THR A 41 18.81 7.04 7.43
CA THR A 41 18.52 8.47 7.61
C THR A 41 17.03 8.76 7.51
N TYR A 42 16.31 7.97 6.68
CA TYR A 42 14.87 8.19 6.57
C TYR A 42 14.22 7.82 7.90
N TRP A 43 14.63 6.69 8.47
CA TRP A 43 14.07 6.20 9.71
C TRP A 43 14.41 7.07 10.92
N ARG A 44 15.63 7.60 10.96
CA ARG A 44 16.05 8.39 12.11
C ARG A 44 15.67 9.85 12.03
N VAL A 45 15.62 10.43 10.84
CA VAL A 45 15.31 11.84 10.68
C VAL A 45 14.28 12.22 9.63
N LEU A 46 14.44 11.82 8.37
CA LEU A 46 13.54 12.24 7.31
C LEU A 46 12.08 11.91 7.45
N GLY A 47 11.72 10.66 7.72
CA GLY A 47 10.31 10.29 7.82
C GLY A 47 9.71 10.54 9.19
N ALA A 48 10.56 10.47 10.22
CA ALA A 48 10.11 10.67 11.59
C ALA A 48 11.37 10.68 12.47
N SER A 49 11.22 11.02 13.74
CA SER A 49 12.38 11.04 14.61
C SER A 49 12.60 9.69 15.30
N GLU A 50 13.77 9.12 15.06
CA GLU A 50 14.23 7.86 15.63
C GLU A 50 13.16 6.79 15.66
N THR A 51 12.78 6.30 14.48
CA THR A 51 11.75 5.28 14.36
C THR A 51 12.10 3.97 15.04
N ILE A 52 13.35 3.51 14.94
CA ILE A 52 13.71 2.24 15.59
C ILE A 52 13.55 2.35 17.09
N ALA A 53 13.96 3.49 17.65
CA ALA A 53 13.86 3.71 19.10
C ALA A 53 12.41 3.67 19.53
N ASN A 54 11.55 4.32 18.75
CA ASN A 54 10.12 4.34 19.04
C ASN A 54 9.57 2.92 19.05
N ILE A 55 9.91 2.12 18.04
CA ILE A 55 9.45 0.74 17.94
C ILE A 55 9.92 -0.10 19.12
N TYR A 56 11.24 -0.06 19.40
CA TYR A 56 11.75 -0.87 20.52
C TYR A 56 11.28 -0.38 21.87
N THR A 57 11.13 0.93 22.07
CA THR A 57 10.62 1.45 23.34
C THR A 57 9.18 1.01 23.55
N THR A 58 8.35 1.10 22.51
CA THR A 58 6.95 0.68 22.58
C THR A 58 6.80 -0.78 22.95
N GLN A 59 7.57 -1.66 22.32
CA GLN A 59 7.50 -3.08 22.64
C GLN A 59 7.88 -3.28 24.12
N HIS A 60 8.96 -2.62 24.51
CA HIS A 60 9.44 -2.68 25.88
C HIS A 60 8.35 -2.22 26.84
N ARG A 61 7.71 -1.07 26.59
CA ARG A 61 6.64 -0.59 27.45
C ARG A 61 5.51 -1.60 27.56
N LEU A 62 5.17 -2.24 26.45
CA LEU A 62 4.11 -3.25 26.44
C LEU A 62 4.51 -4.46 27.28
N ASP A 63 5.74 -4.96 27.10
CA ASP A 63 6.23 -6.10 27.84
C ASP A 63 6.21 -5.87 29.35
N GLN A 64 6.53 -4.65 29.78
CA GLN A 64 6.57 -4.26 31.17
C GLN A 64 5.20 -3.91 31.73
N GLY A 65 4.16 -3.91 30.90
CA GLY A 65 2.81 -3.61 31.28
C GLY A 65 2.53 -2.13 31.43
N GLU A 66 3.39 -1.27 30.90
CA GLU A 66 3.20 0.16 31.00
C GLU A 66 2.16 0.69 30.04
N ILE A 67 1.91 -0.01 28.94
CA ILE A 67 0.88 0.37 27.98
C ILE A 67 0.08 -0.88 27.58
N SER A 68 -1.12 -0.68 27.06
CA SER A 68 -1.96 -1.80 26.66
C SER A 68 -1.60 -2.29 25.25
N ALA A 69 -2.15 -3.43 24.89
CA ALA A 69 -1.95 -4.03 23.58
C ALA A 69 -2.45 -3.11 22.48
N GLY A 70 -3.60 -2.48 22.72
CA GLY A 70 -4.22 -1.56 21.77
C GLY A 70 -3.37 -0.32 21.58
N ASP A 71 -2.84 0.24 22.67
CA ASP A 71 -2.00 1.43 22.56
C ASP A 71 -0.73 1.11 21.76
N ALA A 72 -0.10 0.00 22.09
CA ALA A 72 1.12 -0.41 21.40
C ALA A 72 0.90 -0.67 19.91
N ALA A 73 -0.20 -1.33 19.56
CA ALA A 73 -0.50 -1.65 18.17
C ALA A 73 -0.63 -0.40 17.30
N VAL A 74 -1.30 0.64 17.79
CA VAL A 74 -1.45 1.86 17.02
C VAL A 74 -0.08 2.46 16.76
N VAL A 75 0.72 2.57 17.84
CA VAL A 75 2.07 3.10 17.70
C VAL A 75 2.88 2.26 16.73
N MET A 76 2.84 0.94 16.91
CA MET A 76 3.57 0.00 16.09
C MET A 76 3.18 0.04 14.62
N THR A 77 1.87 0.01 14.32
CA THR A 77 1.41 0.06 12.93
C THR A 77 1.86 1.32 12.23
N SER A 78 1.73 2.47 12.88
CA SER A 78 2.14 3.75 12.31
C SER A 78 3.63 3.77 12.05
N ALA A 79 4.43 3.23 12.96
CA ALA A 79 5.88 3.20 12.79
C ALA A 79 6.26 2.30 11.62
N GLN A 80 5.52 1.22 11.39
CA GLN A 80 5.86 0.33 10.27
C GLN A 80 5.71 1.06 8.93
N ILE A 81 4.72 1.96 8.87
CA ILE A 81 4.51 2.75 7.65
C ILE A 81 5.77 3.54 7.33
N THR A 82 6.34 4.19 8.35
CA THR A 82 7.55 4.96 8.18
C THR A 82 8.73 4.10 7.74
N MET A 83 8.88 2.93 8.34
CA MET A 83 9.97 2.02 8.02
C MET A 83 9.94 1.55 6.57
N GLY A 84 8.76 1.26 6.03
CA GLY A 84 8.66 0.73 4.68
C GLY A 84 8.59 1.73 3.55
N MET A 85 8.30 3.00 3.84
CA MET A 85 8.17 4.02 2.78
C MET A 85 9.28 4.03 1.77
N PRO A 86 10.55 4.08 2.12
CA PRO A 86 11.64 4.07 1.16
C PRO A 86 11.60 2.87 0.24
N TYR A 87 11.30 1.66 0.75
CA TYR A 87 11.24 0.50 -0.14
C TYR A 87 10.06 0.57 -1.10
N ALA A 88 8.92 0.99 -0.58
CA ALA A 88 7.70 1.08 -1.37
C ALA A 88 7.80 2.13 -2.46
N VAL A 89 8.42 3.28 -2.14
CA VAL A 89 8.50 4.31 -3.20
C VAL A 89 9.51 3.89 -4.25
N THR A 90 10.58 3.22 -3.81
CA THR A 90 11.61 2.73 -4.73
C THR A 90 11.06 1.69 -5.68
N ASP A 91 10.26 0.75 -5.15
CA ASP A 91 9.66 -0.28 -5.98
C ASP A 91 8.72 0.35 -7.03
N ALA A 92 7.93 1.32 -6.59
CA ALA A 92 6.95 1.96 -7.45
C ALA A 92 7.58 2.74 -8.59
N VAL A 93 8.73 3.38 -8.36
CA VAL A 93 9.38 4.14 -9.42
C VAL A 93 10.17 3.24 -10.33
N LEU A 94 10.62 2.10 -9.81
CA LEU A 94 11.40 1.16 -10.60
C LEU A 94 10.53 0.27 -11.47
N ALA A 95 9.32 -0.07 -11.02
CA ALA A 95 8.39 -0.94 -11.70
C ALA A 95 8.29 -0.79 -13.20
N PRO A 96 7.95 0.39 -13.72
CA PRO A 96 7.83 0.61 -15.14
C PRO A 96 9.05 0.28 -15.97
N HIS A 97 10.26 0.29 -15.40
CA HIS A 97 11.47 -0.02 -16.12
C HIS A 97 11.73 -1.51 -16.25
N ILE A 98 11.05 -2.33 -15.47
CA ILE A 98 11.27 -3.77 -15.49
C ILE A 98 10.49 -4.47 -16.59
N GLY A 99 11.23 -5.13 -17.48
CA GLY A 99 10.60 -5.86 -18.58
C GLY A 99 10.42 -7.32 -18.19
N GLY A 100 10.34 -8.17 -19.22
CA GLY A 100 10.15 -9.60 -18.97
C GLY A 100 11.50 -10.28 -18.76
N GLU A 101 11.43 -11.54 -18.32
CA GLU A 101 12.62 -12.34 -18.09
C GLU A 101 13.50 -12.47 -19.33
N ALA A 102 14.79 -12.62 -19.04
CA ALA A 102 15.81 -12.82 -20.05
C ALA A 102 16.10 -14.33 -20.09
N GLY A 103 15.82 -14.97 -18.95
CA GLY A 103 15.98 -16.38 -18.75
C GLY A 103 17.24 -16.91 -18.13
N SER A 104 17.62 -18.11 -18.58
CA SER A 104 18.80 -18.82 -18.14
C SER A 104 20.08 -18.16 -18.64
N PRO A 108 24.99 -15.03 -19.37
CA PRO A 108 25.89 -13.96 -19.77
C PRO A 108 25.62 -12.72 -18.96
N PRO A 109 26.37 -11.71 -19.35
CA PRO A 109 26.11 -10.74 -18.34
C PRO A 109 25.04 -9.78 -18.28
N PRO A 110 24.67 -9.59 -17.01
CA PRO A 110 23.69 -8.55 -16.77
C PRO A 110 24.39 -7.20 -17.01
N ALA A 111 23.70 -6.30 -17.69
CA ALA A 111 24.26 -4.98 -17.95
C ALA A 111 24.42 -4.20 -16.64
N LEU A 112 23.49 -4.40 -15.72
CA LEU A 112 23.52 -3.75 -14.42
C LEU A 112 23.01 -4.69 -13.32
N THR A 113 23.71 -4.69 -12.19
CA THR A 113 23.29 -5.53 -11.06
C THR A 113 22.88 -4.56 -9.94
N LEU A 114 21.64 -4.74 -9.49
CA LEU A 114 21.11 -3.85 -8.46
C LEU A 114 20.94 -4.68 -7.19
N ILE A 115 21.74 -4.40 -6.17
CA ILE A 115 21.64 -5.13 -4.91
C ILE A 115 20.97 -4.23 -3.88
N PHE A 116 19.88 -4.73 -3.29
CA PHE A 116 19.16 -3.97 -2.31
C PHE A 116 19.27 -4.50 -0.89
N ASP A 117 19.27 -3.56 0.05
CA ASP A 117 19.24 -3.98 1.46
C ASP A 117 17.72 -4.06 1.77
N ARG A 118 17.15 -5.23 1.64
CA ARG A 118 15.79 -5.58 1.87
C ARG A 118 14.82 -5.32 0.71
N HIS A 119 13.72 -6.07 0.76
CA HIS A 119 12.65 -5.97 -0.22
C HIS A 119 11.44 -5.37 0.50
N PRO A 120 10.48 -4.78 -0.18
CA PRO A 120 9.27 -4.28 0.43
C PRO A 120 8.59 -5.28 1.36
N ILE A 121 8.63 -6.59 1.11
CA ILE A 121 7.96 -7.53 2.01
C ILE A 121 8.52 -7.49 3.43
N ALA A 122 9.74 -7.05 3.65
CA ALA A 122 10.27 -6.95 5.01
C ALA A 122 9.34 -6.07 5.84
N ALA A 123 9.01 -4.90 5.31
CA ALA A 123 8.16 -3.93 5.96
C ALA A 123 6.67 -4.12 5.81
N LEU A 124 6.19 -4.75 4.74
CA LEU A 124 4.76 -4.94 4.54
C LEU A 124 4.26 -6.32 4.95
N LEU A 125 5.20 -7.18 5.39
CA LEU A 125 4.76 -8.53 5.77
C LEU A 125 5.52 -9.14 6.93
N CYS A 126 6.83 -9.27 6.79
CA CYS A 126 7.62 -9.95 7.82
C CYS A 126 7.68 -9.27 9.16
N TYR A 127 8.06 -7.99 9.21
CA TYR A 127 8.13 -7.27 10.48
C TYR A 127 6.77 -7.14 11.10
N PRO A 128 5.73 -6.75 10.36
CA PRO A 128 4.38 -6.67 10.91
C PRO A 128 3.96 -8.00 11.50
N ALA A 129 4.22 -9.11 10.79
CA ALA A 129 3.87 -10.45 11.29
C ALA A 129 4.63 -10.79 12.57
N ALA A 130 5.90 -10.41 12.64
CA ALA A 130 6.69 -10.68 13.85
C ALA A 130 6.12 -9.86 15.01
N ARG A 131 5.73 -8.63 14.73
CA ARG A 131 5.13 -7.81 15.80
C ARG A 131 3.80 -8.40 16.25
N TYR A 132 3.03 -8.97 15.30
CA TYR A 132 1.78 -9.65 15.66
C TYR A 132 2.13 -10.75 16.66
N LEU A 133 3.15 -11.55 16.35
CA LEU A 133 3.63 -12.61 17.23
C LEU A 133 4.13 -12.10 18.57
N MET A 134 4.50 -10.84 18.66
CA MET A 134 4.96 -10.20 19.87
C MET A 134 3.83 -9.49 20.61
N GLY A 135 2.61 -9.62 20.11
CA GLY A 135 1.44 -9.01 20.70
C GLY A 135 1.33 -7.51 20.58
N SER A 136 2.07 -6.88 19.67
CA SER A 136 2.04 -5.44 19.49
C SER A 136 1.49 -4.99 18.15
N MET A 137 0.82 -5.89 17.42
CA MET A 137 0.17 -5.58 16.17
C MET A 137 -1.03 -6.52 15.96
N THR A 138 -2.14 -5.98 15.48
CA THR A 138 -3.31 -6.86 15.27
C THR A 138 -3.10 -7.60 13.95
N PRO A 139 -3.68 -8.78 13.82
CA PRO A 139 -3.60 -9.54 12.58
C PRO A 139 -4.30 -8.78 11.46
N GLN A 140 -5.34 -8.01 11.77
CA GLN A 140 -6.04 -7.23 10.75
C GLN A 140 -5.08 -6.18 10.17
N ALA A 141 -4.24 -5.55 11.01
CA ALA A 141 -3.28 -4.57 10.48
C ALA A 141 -2.26 -5.25 9.58
N VAL A 142 -1.81 -6.44 9.98
CA VAL A 142 -0.84 -7.20 9.19
C VAL A 142 -1.39 -7.49 7.80
N LEU A 143 -2.63 -7.95 7.72
CA LEU A 143 -3.24 -8.25 6.43
C LEU A 143 -3.50 -6.99 5.62
N ALA A 144 -3.66 -5.86 6.30
CA ALA A 144 -3.84 -4.57 5.65
C ALA A 144 -2.56 -4.22 4.91
N PHE A 145 -1.40 -4.49 5.54
CA PHE A 145 -0.12 -4.24 4.90
C PHE A 145 0.08 -5.24 3.77
N VAL A 146 -0.28 -6.50 4.00
CA VAL A 146 -0.17 -7.55 2.99
C VAL A 146 -0.95 -7.17 1.74
N ALA A 147 -2.15 -6.62 1.91
CA ALA A 147 -2.97 -6.19 0.78
C ALA A 147 -2.29 -5.14 -0.07
N LEU A 148 -1.35 -4.40 0.48
CA LEU A 148 -0.64 -3.37 -0.27
C LEU A 148 0.69 -3.81 -0.83
N ILE A 149 1.07 -5.07 -0.70
CA ILE A 149 2.35 -5.52 -1.27
C ILE A 149 2.28 -5.33 -2.79
N PRO A 150 3.26 -4.65 -3.35
CA PRO A 150 3.26 -4.40 -4.79
C PRO A 150 3.32 -5.68 -5.59
N PRO A 151 2.73 -5.69 -6.78
CA PRO A 151 2.75 -6.86 -7.64
C PRO A 151 4.20 -7.32 -7.81
N THR A 152 4.40 -8.62 -7.81
CA THR A 152 5.74 -9.19 -7.95
C THR A 152 6.13 -9.20 -9.43
N LEU A 153 7.14 -8.40 -9.73
CA LEU A 153 7.64 -8.29 -11.10
C LEU A 153 8.59 -9.45 -11.37
N PRO A 154 8.83 -9.75 -12.64
CA PRO A 154 9.75 -10.82 -13.00
C PRO A 154 11.13 -10.53 -12.43
N GLY A 155 11.95 -11.54 -12.20
CA GLY A 155 13.29 -11.33 -11.69
C GLY A 155 13.37 -10.84 -10.27
N THR A 156 12.40 -11.21 -9.42
CA THR A 156 12.46 -10.78 -8.02
C THR A 156 13.22 -11.87 -7.25
N ASN A 157 14.53 -11.69 -7.13
CA ASN A 157 15.39 -12.62 -6.43
C ASN A 157 15.62 -12.16 -5.00
N ILE A 158 15.19 -12.97 -4.04
CA ILE A 158 15.36 -12.61 -2.65
C ILE A 158 16.28 -13.56 -1.89
N VAL A 159 17.33 -12.99 -1.29
CA VAL A 159 18.28 -13.79 -0.52
C VAL A 159 17.92 -13.80 0.97
N LEU A 160 17.63 -14.98 1.50
CA LEU A 160 17.29 -15.11 2.92
C LEU A 160 18.48 -15.79 3.61
N GLY A 161 18.61 -15.64 4.91
CA GLY A 161 19.73 -16.21 5.61
C GLY A 161 19.49 -17.44 6.44
N ALA A 162 20.59 -18.16 6.63
CA ALA A 162 20.67 -19.37 7.44
C ALA A 162 21.71 -19.06 8.55
N LEU A 163 21.40 -19.33 9.79
CA LEU A 163 22.36 -19.05 10.88
C LEU A 163 21.81 -19.60 12.18
N PRO A 164 22.58 -20.40 12.91
CA PRO A 164 22.12 -20.96 14.16
C PRO A 164 21.74 -19.82 15.12
N GLU A 165 20.73 -20.00 15.94
CA GLU A 165 20.25 -18.97 16.85
C GLU A 165 21.34 -18.42 17.77
N ASP A 166 22.12 -19.28 18.39
CA ASP A 166 23.18 -18.82 19.29
C ASP A 166 24.14 -17.87 18.57
N ARG A 167 24.62 -18.22 17.37
CA ARG A 167 25.51 -17.32 16.66
C ARG A 167 24.81 -16.01 16.25
N HIS A 168 23.53 -16.11 15.95
CA HIS A 168 22.72 -14.96 15.57
C HIS A 168 22.65 -13.99 16.76
N ILE A 169 22.43 -14.54 17.95
CA ILE A 169 22.36 -13.67 19.14
C ILE A 169 23.68 -12.90 19.28
N ASP A 170 24.79 -13.62 19.15
CA ASP A 170 26.11 -12.98 19.25
C ASP A 170 26.28 -11.86 18.24
N ARG A 171 25.94 -12.20 16.99
CA ARG A 171 26.06 -11.20 15.92
C ARG A 171 25.11 -10.04 16.15
N LEU A 172 23.89 -10.30 16.57
CA LEU A 172 22.91 -9.24 16.82
C LEU A 172 23.42 -8.28 17.90
N ALA A 173 23.95 -8.86 18.98
CA ALA A 173 24.48 -8.11 20.09
C ALA A 173 25.58 -7.15 19.70
N LYS A 174 26.43 -7.45 18.72
CA LYS A 174 27.49 -6.50 18.37
C LYS A 174 27.18 -5.68 17.13
N ARG A 175 25.91 -5.50 16.83
CA ARG A 175 25.50 -4.68 15.70
C ARG A 175 24.07 -4.16 15.91
N GLN A 176 23.85 -3.63 17.11
CA GLN A 176 22.59 -3.02 17.49
C GLN A 176 22.45 -1.66 16.80
N ARG A 177 21.27 -1.37 16.29
CA ARG A 177 21.07 -0.08 15.61
C ARG A 177 20.63 0.99 16.58
N PRO A 178 20.76 2.26 16.22
CA PRO A 178 20.35 3.37 17.05
C PRO A 178 18.94 3.25 17.59
N GLY A 179 18.78 3.12 18.90
CA GLY A 179 17.47 3.02 19.53
C GLY A 179 16.97 1.60 19.67
N GLU A 180 17.68 0.63 19.12
CA GLU A 180 17.30 -0.77 19.21
C GLU A 180 17.57 -1.31 20.62
N ARG A 181 16.76 -2.26 21.04
CA ARG A 181 16.91 -2.92 22.34
C ARG A 181 17.17 -4.40 22.07
N LEU A 182 18.11 -5.04 22.73
CA LEU A 182 18.38 -6.46 22.46
C LEU A 182 17.23 -7.31 22.99
N ASP A 183 16.32 -7.68 22.12
CA ASP A 183 15.15 -8.47 22.46
C ASP A 183 15.21 -9.85 21.83
N LEU A 184 15.41 -10.88 22.66
CA LEU A 184 15.51 -12.24 22.21
C LEU A 184 14.15 -12.80 21.80
N ALA A 185 13.06 -12.26 22.32
CA ALA A 185 11.71 -12.72 21.92
C ALA A 185 11.46 -12.24 20.49
N MET A 186 11.83 -10.98 20.24
CA MET A 186 11.68 -10.43 18.88
C MET A 186 12.59 -11.19 17.93
N LEU A 187 13.83 -11.51 18.32
CA LEU A 187 14.72 -12.28 17.45
C LEU A 187 14.08 -13.61 17.06
N ALA A 188 13.49 -14.28 18.04
CA ALA A 188 12.81 -15.55 17.83
C ALA A 188 11.62 -15.38 16.87
N ALA A 189 10.82 -14.35 17.11
CA ALA A 189 9.66 -14.10 16.26
C ALA A 189 10.06 -13.80 14.83
N ILE A 190 11.09 -12.95 14.64
CA ILE A 190 11.50 -12.61 13.26
C ILE A 190 12.14 -13.80 12.58
N ARG A 191 12.90 -14.62 13.33
CA ARG A 191 13.49 -15.81 12.74
C ARG A 191 12.37 -16.77 12.32
N ARG A 192 11.35 -16.90 13.17
CA ARG A 192 10.22 -17.76 12.85
C ARG A 192 9.52 -17.29 11.57
N VAL A 193 9.19 -16.01 11.51
CA VAL A 193 8.52 -15.44 10.32
C VAL A 193 9.32 -15.72 9.07
N TYR A 194 10.62 -15.41 9.04
CA TYR A 194 11.41 -15.66 7.84
C TYR A 194 11.53 -17.14 7.50
N GLY A 195 11.52 -18.04 8.49
CA GLY A 195 11.57 -19.48 8.20
C GLY A 195 10.22 -19.86 7.56
N LEU A 196 9.12 -19.34 8.09
CA LEU A 196 7.81 -19.63 7.51
C LEU A 196 7.73 -19.09 6.09
N LEU A 197 8.31 -17.91 5.86
CA LEU A 197 8.32 -17.32 4.52
C LEU A 197 9.00 -18.22 3.51
N ALA A 198 10.19 -18.75 3.81
CA ALA A 198 10.88 -19.63 2.87
C ALA A 198 10.01 -20.85 2.57
N ASN A 199 9.43 -21.43 3.61
CA ASN A 199 8.57 -22.60 3.48
C ASN A 199 7.32 -22.26 2.66
N THR A 200 6.79 -21.06 2.89
CA THR A 200 5.58 -20.65 2.17
C THR A 200 5.86 -20.56 0.68
N VAL A 201 7.01 -19.98 0.31
CA VAL A 201 7.34 -19.90 -1.12
C VAL A 201 7.41 -21.30 -1.72
N ARG A 202 8.10 -22.22 -1.02
CA ARG A 202 8.20 -23.59 -1.54
C ARG A 202 6.81 -24.23 -1.63
N TYR A 203 6.01 -24.08 -0.59
CA TYR A 203 4.63 -24.62 -0.58
C TYR A 203 3.87 -24.16 -1.83
N LEU A 204 3.88 -22.85 -2.09
CA LEU A 204 3.18 -22.30 -3.23
C LEU A 204 3.79 -22.78 -4.55
N GLN A 205 5.12 -22.83 -4.66
CA GLN A 205 5.76 -23.25 -5.89
C GLN A 205 5.45 -24.70 -6.23
N CYS A 206 5.22 -25.54 -5.22
CA CYS A 206 4.89 -26.94 -5.43
C CYS A 206 3.41 -27.19 -5.60
N GLY A 207 2.60 -26.13 -5.77
CA GLY A 207 1.18 -26.29 -5.97
C GLY A 207 0.27 -26.20 -4.79
N GLY A 208 0.80 -25.83 -3.62
CA GLY A 208 -0.04 -25.76 -2.44
C GLY A 208 -1.16 -24.73 -2.60
N SER A 209 -2.35 -25.10 -2.16
CA SER A 209 -3.51 -24.24 -2.20
C SER A 209 -3.98 -24.01 -0.75
N TRP A 210 -3.73 -22.83 -0.21
CA TRP A 210 -4.09 -22.54 1.17
C TRP A 210 -5.57 -22.84 1.44
N ARG A 211 -6.46 -22.53 0.52
CA ARG A 211 -7.89 -22.77 0.72
C ARG A 211 -8.18 -24.26 0.84
N GLU A 212 -7.47 -25.06 0.06
CA GLU A 212 -7.64 -26.51 0.07
C GLU A 212 -7.10 -27.13 1.35
N ASP A 213 -5.99 -26.60 1.85
CA ASP A 213 -5.37 -27.12 3.05
C ASP A 213 -5.78 -26.45 4.34
N TRP A 214 -6.59 -25.39 4.29
CA TRP A 214 -6.99 -24.64 5.47
C TRP A 214 -7.50 -25.52 6.60
N GLY A 215 -8.33 -26.51 6.33
CA GLY A 215 -8.87 -27.43 7.31
C GLY A 215 -7.84 -28.16 8.13
N GLN A 216 -6.65 -28.39 7.60
CA GLN A 216 -5.56 -29.07 8.28
C GLN A 216 -5.01 -28.32 9.47
N LEU A 217 -5.26 -27.02 9.58
CA LEU A 217 -4.80 -26.20 10.68
C LEU A 217 -5.61 -26.45 11.95
N SER A 218 -6.80 -27.02 11.79
CA SER A 218 -7.67 -27.32 12.91
C SER A 218 -7.78 -28.79 13.25
N GLY A 219 -7.18 -29.67 12.46
CA GLY A 219 -7.24 -31.11 12.73
C GLY A 219 -6.71 -31.44 14.11
N PRO A 235 4.29 -32.84 -2.83
CA PRO A 235 5.51 -32.92 -2.02
C PRO A 235 5.93 -31.52 -1.59
N ARG A 236 5.34 -31.09 -0.49
CA ARG A 236 5.61 -29.75 0.02
C ARG A 236 5.42 -29.68 1.53
N PRO A 237 5.82 -28.56 2.10
CA PRO A 237 5.67 -28.36 3.53
C PRO A 237 4.19 -28.41 3.89
N HIS A 238 3.93 -28.71 5.15
CA HIS A 238 2.55 -28.73 5.65
C HIS A 238 2.15 -27.25 5.79
N ILE A 239 0.89 -26.93 5.59
CA ILE A 239 0.43 -25.54 5.71
C ILE A 239 0.72 -24.98 7.07
N GLY A 240 0.80 -25.84 8.10
CA GLY A 240 1.12 -25.48 9.46
C GLY A 240 2.55 -24.92 9.59
N ASP A 241 3.40 -25.20 8.63
CA ASP A 241 4.76 -24.71 8.60
C ASP A 241 4.92 -23.58 7.58
N THR A 242 3.83 -22.86 7.30
CA THR A 242 3.88 -21.75 6.36
C THR A 242 3.30 -20.51 7.06
N LEU A 243 3.33 -19.36 6.37
CA LEU A 243 2.77 -18.14 6.95
C LEU A 243 1.27 -18.19 7.10
N PHE A 244 0.60 -19.09 6.37
CA PHE A 244 -0.85 -19.19 6.47
C PHE A 244 -1.28 -19.55 7.87
N THR A 245 -0.48 -20.30 8.66
CA THR A 245 -0.87 -20.61 10.00
C THR A 245 -1.05 -19.38 10.89
N LEU A 246 -0.32 -18.32 10.61
CA LEU A 246 -0.45 -17.13 11.46
C LEU A 246 -1.82 -16.50 11.36
N PHE A 247 -2.47 -16.67 10.21
CA PHE A 247 -3.76 -16.08 9.92
C PHE A 247 -4.96 -16.83 10.42
N ARG A 248 -4.71 -17.91 11.17
CA ARG A 248 -5.73 -18.68 11.85
C ARG A 248 -5.75 -18.05 13.27
N ALA A 249 -6.01 -16.75 13.25
CA ALA A 249 -6.06 -15.87 14.41
C ALA A 249 -7.54 -15.56 14.62
N PRO A 250 -8.02 -15.66 15.84
CA PRO A 250 -9.42 -15.46 16.16
C PRO A 250 -10.01 -14.14 15.74
N GLU A 251 -9.23 -13.05 15.71
CA GLU A 251 -9.75 -11.77 15.28
C GLU A 251 -10.25 -11.77 13.84
N LEU A 252 -9.74 -12.67 13.01
CA LEU A 252 -10.11 -12.71 11.59
C LEU A 252 -11.20 -13.70 11.27
N LEU A 253 -11.72 -14.40 12.29
CA LEU A 253 -12.73 -15.41 12.05
C LEU A 253 -14.12 -15.00 12.52
N ALA A 254 -15.12 -15.52 11.82
CA ALA A 254 -16.51 -15.24 12.19
C ALA A 254 -16.88 -16.19 13.34
N PRO A 255 -18.05 -16.00 13.92
CA PRO A 255 -18.52 -16.83 15.02
C PRO A 255 -18.51 -18.30 14.72
N ASN A 256 -18.67 -18.76 13.48
CA ASN A 256 -18.65 -20.16 13.14
C ASN A 256 -17.26 -20.68 12.79
N GLY A 257 -16.24 -19.84 12.97
CA GLY A 257 -14.87 -20.26 12.70
C GLY A 257 -14.39 -19.98 11.29
N ASP A 258 -15.26 -19.55 10.39
CA ASP A 258 -14.84 -19.26 9.03
C ASP A 258 -14.02 -17.96 8.96
N LEU A 259 -13.04 -17.96 8.07
CA LEU A 259 -12.21 -16.76 7.89
C LEU A 259 -13.11 -15.77 7.12
N TYR A 260 -13.14 -14.51 7.50
CA TYR A 260 -13.95 -13.56 6.72
C TYR A 260 -13.37 -13.51 5.31
N ASN A 261 -14.22 -13.25 4.33
CA ASN A 261 -13.79 -13.19 2.93
C ASN A 261 -12.77 -12.10 2.70
N VAL A 262 -12.89 -10.96 3.37
CA VAL A 262 -11.96 -9.87 3.23
C VAL A 262 -10.51 -10.39 3.51
N PHE A 263 -10.39 -11.16 4.58
CA PHE A 263 -9.09 -11.71 4.98
C PHE A 263 -8.65 -12.82 4.07
N ALA A 264 -9.62 -13.64 3.62
CA ALA A 264 -9.28 -14.72 2.68
C ALA A 264 -8.72 -14.09 1.41
N TRP A 265 -9.27 -12.96 0.96
CA TRP A 265 -8.80 -12.26 -0.22
C TRP A 265 -7.37 -11.76 -0.02
N ALA A 266 -7.07 -11.31 1.20
CA ALA A 266 -5.71 -10.86 1.50
C ALA A 266 -4.76 -12.06 1.43
N LEU A 267 -5.22 -13.25 1.83
CA LEU A 267 -4.36 -14.45 1.75
C LEU A 267 -4.14 -14.85 0.30
N ASP A 268 -5.16 -14.65 -0.54
CA ASP A 268 -5.01 -14.95 -1.97
C ASP A 268 -3.96 -14.02 -2.57
N VAL A 269 -3.96 -12.76 -2.15
CA VAL A 269 -2.96 -11.81 -2.62
C VAL A 269 -1.59 -12.28 -2.15
N LEU A 270 -1.47 -12.65 -0.87
CA LEU A 270 -0.21 -13.13 -0.32
C LEU A 270 0.33 -14.27 -1.18
N ALA A 271 -0.50 -15.27 -1.42
CA ALA A 271 -0.08 -16.42 -2.22
C ALA A 271 0.43 -16.00 -3.59
N LYS A 272 -0.34 -15.10 -4.24
CA LYS A 272 0.07 -14.62 -5.56
C LYS A 272 1.38 -13.85 -5.52
N ARG A 273 1.58 -12.97 -4.53
CA ARG A 273 2.82 -12.22 -4.47
C ARG A 273 4.04 -13.10 -4.18
N LEU A 274 3.90 -14.02 -3.24
CA LEU A 274 5.01 -14.86 -2.83
C LEU A 274 5.38 -15.95 -3.79
N ARG A 275 4.41 -16.59 -4.41
CA ARG A 275 4.68 -17.68 -5.33
C ARG A 275 5.67 -17.39 -6.43
N SER A 276 5.69 -16.21 -7.02
CA SER A 276 6.62 -15.94 -8.12
C SER A 276 7.96 -15.35 -7.70
N MET A 277 8.26 -15.30 -6.42
CA MET A 277 9.59 -14.80 -6.00
C MET A 277 10.59 -15.95 -6.10
N HIS A 278 11.84 -15.60 -6.34
CA HIS A 278 12.92 -16.61 -6.42
C HIS A 278 13.73 -16.47 -5.13
N VAL A 279 13.62 -17.42 -4.22
CA VAL A 279 14.32 -17.38 -2.94
C VAL A 279 15.64 -18.14 -2.98
N PHE A 280 16.66 -17.51 -2.42
CA PHE A 280 18.00 -18.09 -2.35
C PHE A 280 18.46 -18.03 -0.90
N ILE A 281 19.06 -19.10 -0.40
CA ILE A 281 19.48 -19.11 1.01
C ILE A 281 20.99 -18.90 1.12
N LEU A 282 21.39 -17.92 1.92
CA LEU A 282 22.80 -17.62 2.14
C LEU A 282 23.19 -18.07 3.54
N ASP A 283 24.20 -18.94 3.62
CA ASP A 283 24.64 -19.41 4.94
C ASP A 283 25.44 -18.26 5.57
N TYR A 284 24.98 -17.71 6.68
CA TYR A 284 25.71 -16.61 7.31
C TYR A 284 26.65 -17.10 8.40
N ASP A 285 26.69 -18.41 8.65
CA ASP A 285 27.55 -18.97 9.70
C ASP A 285 28.99 -19.15 9.22
N GLN A 286 29.61 -18.05 8.84
CA GLN A 286 30.97 -17.99 8.34
C GLN A 286 31.49 -16.56 8.37
N SER A 287 32.77 -16.38 8.08
CA SER A 287 33.38 -15.05 8.09
C SER A 287 32.67 -14.13 7.11
N PRO A 288 32.87 -12.83 7.26
CA PRO A 288 32.28 -11.82 6.38
C PRO A 288 32.71 -12.03 4.94
N ALA A 289 33.99 -12.38 4.76
CA ALA A 289 34.54 -12.64 3.44
C ALA A 289 33.90 -13.89 2.84
N GLY A 290 33.64 -14.87 3.70
CA GLY A 290 33.00 -16.12 3.27
C GLY A 290 31.54 -15.85 2.87
N CYS A 291 30.83 -15.09 3.70
CA CYS A 291 29.45 -14.74 3.41
C CYS A 291 29.38 -14.04 2.05
N ARG A 292 30.29 -13.11 1.82
CA ARG A 292 30.34 -12.37 0.56
C ARG A 292 30.60 -13.27 -0.63
N ASP A 293 31.51 -14.24 -0.48
CA ASP A 293 31.83 -15.15 -1.57
C ASP A 293 30.64 -16.06 -1.87
N ALA A 294 29.97 -16.53 -0.83
CA ALA A 294 28.80 -17.40 -1.01
C ALA A 294 27.69 -16.64 -1.75
N LEU A 295 27.50 -15.37 -1.40
CA LEU A 295 26.50 -14.54 -2.04
C LEU A 295 26.75 -14.39 -3.53
N LEU A 296 28.02 -14.23 -3.90
CA LEU A 296 28.39 -14.08 -5.31
C LEU A 296 28.13 -15.35 -6.10
N GLN A 297 28.29 -16.49 -5.45
CA GLN A 297 28.05 -17.79 -6.08
C GLN A 297 26.55 -17.99 -6.31
N LEU A 298 25.71 -17.48 -5.41
CA LEU A 298 24.26 -17.61 -5.57
C LEU A 298 23.69 -16.85 -6.74
N THR A 299 24.38 -15.86 -7.32
CA THR A 299 23.87 -15.10 -8.43
C THR A 299 23.74 -15.86 -9.72
N SER A 300 24.46 -16.97 -9.90
CA SER A 300 24.37 -17.75 -11.13
C SER A 300 22.98 -18.28 -11.40
N GLY A 301 22.22 -18.60 -10.35
CA GLY A 301 20.87 -19.10 -10.55
C GLY A 301 19.80 -18.04 -10.48
N MET A 302 20.17 -16.77 -10.29
CA MET A 302 19.16 -15.71 -10.21
C MET A 302 18.58 -15.36 -11.56
N VAL A 303 17.35 -14.84 -11.53
CA VAL A 303 16.68 -14.52 -12.80
C VAL A 303 16.87 -13.10 -13.22
N GLN A 304 17.35 -12.92 -14.44
CA GLN A 304 17.58 -11.59 -14.99
C GLN A 304 16.40 -11.18 -15.85
N THR A 305 16.20 -9.87 -15.98
CA THR A 305 15.11 -9.38 -16.79
C THR A 305 15.69 -8.36 -17.80
N HIS A 306 14.85 -8.04 -18.78
CA HIS A 306 15.22 -7.01 -19.74
C HIS A 306 14.65 -5.71 -19.13
N VAL A 307 15.15 -4.56 -19.53
CA VAL A 307 14.56 -3.31 -19.04
C VAL A 307 13.57 -2.90 -20.12
N THR A 308 12.74 -1.90 -19.90
CA THR A 308 11.75 -1.54 -20.91
C THR A 308 12.18 -0.48 -21.88
N THR A 309 13.03 0.45 -21.48
CA THR A 309 13.50 1.51 -22.36
C THR A 309 15.03 1.45 -22.45
N PRO A 310 15.60 2.15 -23.42
CA PRO A 310 17.04 2.19 -23.61
C PRO A 310 17.73 3.02 -22.54
N GLY A 311 17.01 3.97 -21.95
CA GLY A 311 17.54 4.82 -20.90
C GLY A 311 17.22 4.29 -19.52
N SER A 312 16.68 3.08 -19.42
CA SER A 312 16.36 2.52 -18.12
C SER A 312 17.60 2.32 -17.26
N ILE A 313 18.65 1.69 -17.80
CA ILE A 313 19.87 1.48 -17.01
C ILE A 313 20.35 2.72 -16.29
N PRO A 314 20.70 3.78 -17.00
CA PRO A 314 21.16 5.01 -16.41
C PRO A 314 20.20 5.57 -15.38
N THR A 315 18.90 5.60 -15.69
CA THR A 315 17.88 6.12 -14.78
C THR A 315 17.85 5.31 -13.49
N ILE A 316 17.88 3.98 -13.63
CA ILE A 316 17.89 3.08 -12.48
C ILE A 316 19.14 3.33 -11.64
N CYS A 317 20.24 3.54 -12.35
CA CYS A 317 21.53 3.82 -11.74
C CYS A 317 21.44 5.09 -10.91
N ASP A 318 20.95 6.18 -11.49
CA ASP A 318 20.77 7.45 -10.79
C ASP A 318 19.93 7.27 -9.51
N LEU A 319 18.81 6.59 -9.68
CA LEU A 319 17.89 6.28 -8.58
C LEU A 319 18.65 5.65 -7.41
N ALA A 320 19.36 4.56 -7.69
CA ALA A 320 20.12 3.85 -6.69
C ALA A 320 21.17 4.71 -6.01
N ARG A 321 21.98 5.44 -6.79
CA ARG A 321 22.98 6.32 -6.22
C ARG A 321 22.34 7.42 -5.38
N THR A 322 21.27 8.03 -5.92
CA THR A 322 20.59 9.09 -5.19
C THR A 322 20.02 8.59 -3.87
N PHE A 323 19.40 7.42 -3.88
CA PHE A 323 18.83 6.84 -2.64
C PHE A 323 19.94 6.72 -1.59
N ALA A 324 21.05 6.08 -2.00
CA ALA A 324 22.18 5.86 -1.12
C ALA A 324 22.70 7.14 -0.47
N ARG A 325 22.95 8.15 -1.28
CA ARG A 325 23.47 9.43 -0.84
C ARG A 325 22.56 10.13 0.15
N GLU A 326 21.25 10.08 -0.12
CA GLU A 326 20.26 10.73 0.72
C GLU A 326 19.83 9.97 1.96
N MET A 327 19.60 8.67 1.82
CA MET A 327 19.11 7.88 2.94
C MET A 327 20.05 6.91 3.58
N GLY A 328 21.17 6.56 2.98
CA GLY A 328 22.11 5.62 3.60
C GLY A 328 22.81 6.32 4.77
N GLU A 329 23.13 5.59 5.83
CA GLU A 329 23.80 6.21 6.98
C GLU A 329 25.27 6.50 6.62
N MET B 1 -14.66 -12.07 -25.15
CA MET B 1 -14.65 -10.68 -25.58
C MET B 1 -15.71 -9.78 -24.99
N PRO B 2 -16.21 -10.06 -23.80
CA PRO B 2 -17.21 -9.22 -23.16
C PRO B 2 -16.55 -8.01 -22.51
N THR B 3 -17.29 -6.93 -22.30
CA THR B 3 -16.69 -5.75 -21.68
C THR B 3 -17.20 -5.52 -20.26
N LEU B 4 -16.43 -4.75 -19.50
CA LEU B 4 -16.73 -4.41 -18.12
C LEU B 4 -16.69 -2.91 -17.92
N LEU B 5 -17.61 -2.40 -17.12
CA LEU B 5 -17.64 -0.98 -16.81
C LEU B 5 -17.47 -0.83 -15.29
N ARG B 6 -16.38 -0.19 -14.88
CA ARG B 6 -16.13 0.01 -13.45
C ARG B 6 -16.31 1.50 -13.14
N VAL B 7 -17.14 1.81 -12.16
CA VAL B 7 -17.43 3.20 -11.80
C VAL B 7 -17.26 3.36 -10.29
N TYR B 8 -16.32 4.22 -9.89
CA TYR B 8 -16.09 4.45 -8.46
C TYR B 8 -16.75 5.76 -8.05
N ILE B 9 -17.74 5.69 -7.18
CA ILE B 9 -18.41 6.89 -6.66
C ILE B 9 -17.59 7.38 -5.47
N ASP B 10 -17.00 8.57 -5.58
CA ASP B 10 -16.17 9.00 -4.45
C ASP B 10 -16.36 10.46 -4.11
N GLY B 11 -15.50 11.06 -3.30
CA GLY B 11 -15.69 12.47 -2.94
C GLY B 11 -16.02 12.55 -1.45
N PRO B 12 -16.28 13.75 -0.96
CA PRO B 12 -16.59 13.94 0.44
C PRO B 12 -17.84 13.22 0.91
N HIS B 13 -17.83 12.85 2.18
CA HIS B 13 -18.95 12.20 2.83
C HIS B 13 -20.12 13.19 2.98
N GLY B 14 -21.34 12.69 3.04
CA GLY B 14 -22.52 13.48 3.23
C GLY B 14 -23.10 14.18 2.04
N MET B 15 -22.77 13.77 0.81
CA MET B 15 -23.32 14.42 -0.37
C MET B 15 -24.50 13.67 -0.99
N GLY B 16 -24.67 12.41 -0.63
CA GLY B 16 -25.75 11.60 -1.19
C GLY B 16 -25.20 10.52 -2.12
N LYS B 17 -23.91 10.22 -2.01
CA LYS B 17 -23.27 9.22 -2.84
C LYS B 17 -23.92 7.84 -2.78
N THR B 18 -24.06 7.32 -1.57
CA THR B 18 -24.62 5.99 -1.35
C THR B 18 -26.03 5.86 -1.87
N THR B 19 -26.91 6.79 -1.53
CA THR B 19 -28.28 6.78 -2.00
C THR B 19 -28.35 6.81 -3.53
N THR B 20 -27.56 7.72 -4.13
CA THR B 20 -27.59 7.85 -5.59
C THR B 20 -27.19 6.54 -6.26
N THR B 21 -26.16 5.91 -5.72
CA THR B 21 -25.65 4.66 -6.24
C THR B 21 -26.68 3.55 -6.14
N GLN B 22 -27.32 3.44 -4.98
CA GLN B 22 -28.34 2.40 -4.80
C GLN B 22 -29.50 2.65 -5.74
N LEU B 23 -29.89 3.91 -5.93
CA LEU B 23 -30.97 4.21 -6.87
C LEU B 23 -30.57 3.83 -8.28
N LEU B 24 -29.32 4.09 -8.67
CA LEU B 24 -28.87 3.71 -10.01
C LEU B 24 -28.90 2.20 -10.19
N VAL B 25 -28.38 1.48 -9.19
CA VAL B 25 -28.36 0.02 -9.27
C VAL B 25 -29.76 -0.56 -9.34
N ALA B 26 -30.73 0.06 -8.67
CA ALA B 26 -32.10 -0.37 -8.64
C ALA B 26 -32.83 -0.29 -9.99
N LEU B 27 -32.33 0.48 -10.93
CA LEU B 27 -32.89 0.62 -12.25
C LEU B 27 -32.43 -0.50 -13.19
N GLY B 28 -31.30 -1.11 -12.87
CA GLY B 28 -30.75 -2.15 -13.72
C GLY B 28 -31.16 -3.57 -13.38
N SER B 29 -30.74 -4.48 -14.27
CA SER B 29 -31.04 -5.90 -14.06
C SER B 29 -30.08 -6.38 -12.98
N ARG B 30 -30.53 -7.29 -12.13
CA ARG B 30 -29.70 -7.80 -11.04
C ARG B 30 -28.42 -8.46 -11.54
N ASP B 31 -28.44 -9.09 -12.72
CA ASP B 31 -27.26 -9.73 -13.24
C ASP B 31 -26.37 -8.86 -14.10
N ASP B 32 -26.70 -7.61 -14.41
CA ASP B 32 -25.78 -6.82 -15.23
C ASP B 32 -25.15 -5.66 -14.48
N ILE B 33 -25.53 -5.44 -13.23
CA ILE B 33 -24.95 -4.37 -12.43
C ILE B 33 -24.83 -4.82 -10.98
N VAL B 34 -23.65 -4.65 -10.39
CA VAL B 34 -23.44 -5.07 -9.00
C VAL B 34 -22.78 -3.91 -8.23
N TYR B 35 -23.31 -3.64 -7.05
CA TYR B 35 -22.79 -2.60 -6.18
C TYR B 35 -21.81 -3.20 -5.17
N VAL B 36 -20.67 -2.59 -5.02
CA VAL B 36 -19.63 -2.95 -4.04
C VAL B 36 -19.78 -1.82 -3.00
N PRO B 37 -20.50 -2.10 -1.92
CA PRO B 37 -20.81 -1.09 -0.95
C PRO B 37 -19.74 -0.75 0.05
N GLU B 38 -20.09 0.22 0.88
CA GLU B 38 -19.18 0.69 1.96
C GLU B 38 -18.96 -0.52 2.85
N PRO B 39 -17.73 -0.85 3.19
CA PRO B 39 -17.44 -2.01 4.02
C PRO B 39 -17.74 -1.79 5.48
N MET B 40 -19.03 -1.72 5.84
CA MET B 40 -19.42 -1.48 7.23
C MET B 40 -19.20 -2.69 8.11
N THR B 41 -19.35 -3.92 7.61
CA THR B 41 -19.08 -5.07 8.49
C THR B 41 -17.59 -5.00 8.87
N TYR B 42 -16.74 -4.58 7.92
CA TYR B 42 -15.33 -4.46 8.17
C TYR B 42 -14.97 -3.34 9.13
N TRP B 43 -15.40 -2.10 8.89
CA TRP B 43 -14.99 -1.00 9.72
C TRP B 43 -15.48 -0.90 11.15
N ARG B 44 -16.71 -1.26 11.48
CA ARG B 44 -17.16 -1.10 12.87
C ARG B 44 -16.86 -2.34 13.69
N VAL B 45 -16.71 -3.48 13.01
CA VAL B 45 -16.47 -4.75 13.66
C VAL B 45 -15.24 -5.52 13.26
N LEU B 46 -15.17 -6.08 12.06
CA LEU B 46 -14.10 -6.92 11.58
C LEU B 46 -12.67 -6.44 11.58
N GLY B 47 -12.32 -5.27 11.07
CA GLY B 47 -10.93 -4.81 11.02
C GLY B 47 -10.42 -4.31 12.36
N ALA B 48 -11.31 -3.70 13.13
CA ALA B 48 -11.05 -3.15 14.45
C ALA B 48 -12.39 -2.73 15.06
N SER B 49 -12.43 -2.18 16.25
CA SER B 49 -13.70 -1.77 16.86
C SER B 49 -14.02 -0.31 16.64
N GLU B 50 -15.18 0.09 16.11
CA GLU B 50 -15.66 1.43 15.85
C GLU B 50 -14.66 2.34 15.14
N THR B 51 -14.44 1.84 13.92
CA THR B 51 -13.00 2.75 13.59
C THR B 51 -13.38 4.21 13.36
N ILE B 52 -14.59 4.46 12.85
CA ILE B 52 -15.00 5.85 12.62
C ILE B 52 -15.09 6.66 13.90
N ALA B 53 -15.59 6.07 14.98
CA ALA B 53 -15.73 6.76 16.26
C ALA B 53 -14.38 7.21 16.81
N ASN B 54 -13.38 6.37 16.64
CA ASN B 54 -12.03 6.66 17.10
C ASN B 54 -11.42 7.85 16.38
N ILE B 55 -11.56 7.90 15.05
CA ILE B 55 -11.03 9.00 14.25
C ILE B 55 -11.58 10.35 14.69
N TYR B 56 -12.91 10.48 14.73
CA TYR B 56 -13.55 11.74 15.11
C TYR B 56 -13.31 12.10 16.55
N THR B 57 -13.13 11.10 17.41
CA THR B 57 -12.84 11.33 18.82
C THR B 57 -11.45 11.93 18.97
N THR B 58 -10.46 11.38 18.28
CA THR B 58 -9.09 11.84 18.33
C THR B 58 -8.92 13.25 17.78
N GLN B 59 -9.59 13.58 16.67
CA GLN B 59 -9.50 14.92 16.10
C GLN B 59 -10.06 15.95 17.07
N HIS B 60 -11.18 15.61 17.72
CA HIS B 60 -11.79 16.53 18.68
C HIS B 60 -10.83 16.70 19.86
N ARG B 61 -10.27 15.57 20.30
CA ARG B 61 -9.30 15.58 21.39
C ARG B 61 -8.14 16.51 21.01
N LEU B 62 -7.55 16.29 19.84
CA LEU B 62 -6.45 17.12 19.36
C LEU B 62 -6.84 18.58 19.25
N ASP B 63 -8.01 18.86 18.69
CA ASP B 63 -8.49 20.23 18.53
C ASP B 63 -8.63 20.95 19.85
N GLN B 64 -9.10 20.27 20.90
CA GLN B 64 -9.27 20.85 22.21
C GLN B 64 -7.95 20.95 22.99
N GLY B 65 -6.85 20.47 22.44
CA GLY B 65 -5.54 20.51 23.05
C GLY B 65 -5.33 19.46 24.14
N GLU B 66 -6.08 18.38 24.08
CA GLU B 66 -6.00 17.31 25.06
C GLU B 66 -4.91 16.30 24.77
N ILE B 67 -4.42 16.23 23.55
CA ILE B 67 -3.35 15.31 23.16
C ILE B 67 -2.34 16.03 22.27
N SER B 68 -1.17 15.43 22.06
CA SER B 68 -0.18 16.06 21.20
C SER B 68 -0.48 15.76 19.74
N ALA B 69 0.27 16.40 18.85
CA ALA B 69 0.10 16.19 17.42
C ALA B 69 0.59 14.78 17.07
N GLY B 70 1.70 14.39 17.71
CA GLY B 70 2.27 13.07 17.52
C GLY B 70 1.27 11.98 17.92
N ASP B 71 0.61 12.15 19.05
CA ASP B 71 -0.38 11.20 19.54
C ASP B 71 -1.51 11.01 18.52
N ALA B 72 -2.04 12.12 18.01
CA ALA B 72 -3.13 12.04 17.05
C ALA B 72 -2.68 11.37 15.75
N ALA B 73 -1.50 11.72 15.26
CA ALA B 73 -0.97 11.18 14.01
C ALA B 73 -0.85 9.66 14.05
N VAL B 74 -0.34 9.14 15.16
CA VAL B 74 -0.21 7.69 15.33
C VAL B 74 -1.59 7.07 15.20
N VAL B 75 -2.59 7.62 15.90
CA VAL B 75 -3.97 7.12 15.82
C VAL B 75 -4.54 7.26 14.40
N MET B 76 -4.37 8.42 13.77
CA MET B 76 -4.91 8.63 12.44
C MET B 76 -4.27 7.72 11.40
N THR B 77 -2.96 7.62 11.44
CA THR B 77 -2.23 6.78 10.49
C THR B 77 -2.67 5.34 10.56
N SER B 78 -2.69 4.76 11.78
CA SER B 78 -3.09 3.38 11.95
C SER B 78 -4.55 3.18 11.56
N ALA B 79 -5.43 4.14 11.91
CA ALA B 79 -6.82 4.01 11.53
C ALA B 79 -6.98 4.01 10.02
N GLN B 80 -6.29 4.91 9.33
CA GLN B 80 -6.37 4.98 7.88
C GLN B 80 -5.90 3.69 7.20
N ILE B 81 -4.77 3.18 7.63
CA ILE B 81 -4.20 1.96 7.04
C ILE B 81 -5.19 0.82 7.17
N THR B 82 -5.91 0.77 8.30
CA THR B 82 -6.94 -0.20 8.58
C THR B 82 -8.17 0.05 7.71
N MET B 83 -8.69 1.27 7.71
CA MET B 83 -9.85 1.68 6.96
C MET B 83 -9.75 1.45 5.45
N GLY B 84 -8.57 1.51 4.84
CA GLY B 84 -8.45 1.31 3.41
C GLY B 84 -8.32 -0.12 2.96
N MET B 85 -8.10 -1.06 3.87
CA MET B 85 -7.92 -2.47 3.56
C MET B 85 -8.89 -3.09 2.59
N PRO B 86 -10.19 -2.99 2.77
CA PRO B 86 -11.16 -3.57 1.85
C PRO B 86 -11.04 -3.06 0.43
N TYR B 87 -10.78 -1.76 0.25
CA TYR B 87 -10.65 -1.20 -1.10
C TYR B 87 -9.42 -1.79 -1.79
N ALA B 88 -8.33 -1.82 -1.03
CA ALA B 88 -7.06 -2.34 -1.55
C ALA B 88 -7.18 -3.81 -1.90
N VAL B 89 -7.77 -4.66 -1.05
CA VAL B 89 -7.85 -6.06 -1.41
C VAL B 89 -8.78 -6.27 -2.61
N THR B 90 -9.87 -5.51 -2.67
CA THR B 90 -10.80 -5.63 -3.80
C THR B 90 -10.09 -5.31 -5.10
N ASP B 91 -9.32 -4.22 -5.09
CA ASP B 91 -8.54 -3.83 -6.26
C ASP B 91 -7.54 -4.93 -6.65
N ALA B 92 -6.87 -5.48 -5.65
CA ALA B 92 -5.87 -6.51 -5.90
C ALA B 92 -6.44 -7.78 -6.48
N VAL B 93 -7.61 -8.24 -6.04
CA VAL B 93 -8.19 -9.45 -6.59
C VAL B 93 -8.87 -9.23 -7.92
N LEU B 94 -9.26 -7.98 -8.19
CA LEU B 94 -9.94 -7.66 -9.45
C LEU B 94 -8.92 -7.45 -10.56
N ALA B 95 -7.76 -6.90 -10.23
CA ALA B 95 -6.69 -6.59 -11.14
C ALA B 95 -6.38 -7.60 -12.22
N PRO B 96 -6.15 -8.87 -11.91
CA PRO B 96 -5.85 -9.87 -12.92
C PRO B 96 -6.91 -10.06 -13.99
N HIS B 97 -8.16 -9.70 -13.74
CA HIS B 97 -9.27 -9.81 -14.63
C HIS B 97 -9.49 -8.65 -15.59
N ILE B 98 -8.76 -7.55 -15.43
CA ILE B 98 -8.95 -6.38 -16.26
C ILE B 98 -8.02 -6.26 -17.46
N GLY B 99 -8.61 -6.18 -18.65
CA GLY B 99 -7.84 -6.04 -19.88
C GLY B 99 -7.74 -4.56 -20.30
N GLY B 100 -7.46 -4.29 -21.58
CA GLY B 100 -7.33 -2.92 -22.04
C GLY B 100 -8.65 -2.20 -22.26
N GLU B 101 -8.58 -0.89 -22.46
CA GLU B 101 -9.79 -0.08 -22.68
C GLU B 101 -10.41 -0.40 -24.04
N ALA B 102 -11.73 -0.43 -24.11
CA ALA B 102 -12.42 -0.71 -25.36
C ALA B 102 -12.87 0.59 -26.03
N GLY B 103 -13.81 1.26 -25.36
CA GLY B 103 -14.36 2.52 -25.85
C GLY B 103 -15.41 3.01 -24.84
N SER B 104 -15.92 4.22 -25.03
CA SER B 104 -16.92 4.78 -24.12
C SER B 104 -18.22 3.98 -24.20
N PRO B 108 -20.94 -1.31 -27.34
CA PRO B 108 -22.04 -2.10 -26.82
C PRO B 108 -22.13 -2.02 -25.30
N PRO B 109 -23.32 -2.28 -24.77
CA PRO B 109 -23.54 -2.25 -23.32
C PRO B 109 -22.61 -3.28 -22.70
N PRO B 110 -22.03 -2.94 -21.57
CA PRO B 110 -21.14 -3.87 -20.89
C PRO B 110 -21.94 -5.08 -20.44
N ALA B 111 -21.27 -6.22 -20.39
CA ALA B 111 -21.89 -7.45 -19.92
C ALA B 111 -22.09 -7.31 -18.41
N LEU B 112 -21.22 -6.49 -17.80
CA LEU B 112 -21.26 -6.19 -16.40
C LEU B 112 -20.80 -4.78 -16.04
N THR B 113 -21.50 -4.19 -15.07
CA THR B 113 -21.19 -2.88 -14.56
C THR B 113 -21.00 -3.02 -13.03
N LEU B 114 -19.81 -2.68 -12.57
CA LEU B 114 -19.52 -2.73 -11.14
C LEU B 114 -19.46 -1.27 -10.64
N ILE B 115 -20.31 -0.93 -9.71
CA ILE B 115 -20.32 0.43 -9.15
C ILE B 115 -19.75 0.28 -7.71
N PHE B 116 -18.77 1.08 -7.35
CA PHE B 116 -18.15 0.95 -6.05
C PHE B 116 -18.40 2.16 -5.15
N ASP B 117 -18.49 1.88 -3.85
CA ASP B 117 -18.60 2.96 -2.87
C ASP B 117 -17.14 3.28 -2.52
N ARG B 118 -16.57 4.25 -3.21
CA ARG B 118 -15.22 4.72 -3.07
C ARG B 118 -14.17 3.91 -3.81
N HIS B 119 -13.04 4.58 -4.08
CA HIS B 119 -11.88 3.98 -4.73
C HIS B 119 -10.76 3.96 -3.70
N PRO B 120 -9.75 3.12 -3.83
CA PRO B 120 -8.63 3.11 -2.90
C PRO B 120 -8.02 4.46 -2.64
N ILE B 121 -8.02 5.42 -3.59
CA ILE B 121 -7.42 6.72 -3.29
C ILE B 121 -8.16 7.47 -2.19
N ALA B 122 -9.41 7.15 -1.87
CA ALA B 122 -10.06 7.86 -0.75
C ALA B 122 -9.25 7.61 0.53
N ALA B 123 -8.94 6.34 0.80
CA ALA B 123 -8.23 5.97 2.01
C ALA B 123 -6.72 6.09 1.95
N LEU B 124 -6.12 6.09 0.77
CA LEU B 124 -4.67 6.18 0.65
C LEU B 124 -4.17 7.52 0.18
N LEU B 125 -5.08 8.46 -0.03
CA LEU B 125 -4.68 9.79 -0.48
C LEU B 125 -5.55 10.92 0.05
N CYS B 126 -6.84 10.93 -0.27
CA CYS B 126 -7.73 12.01 0.12
C CYS B 126 -7.97 12.21 1.59
N TYR B 127 -8.37 11.17 2.32
CA TYR B 127 -8.61 11.32 3.76
C TYR B 127 -7.34 11.66 4.49
N PRO B 128 -6.24 10.98 4.22
CA PRO B 128 -4.95 11.30 4.83
C PRO B 128 -4.57 12.75 4.58
N ALA B 129 -4.68 13.21 3.32
CA ALA B 129 -4.37 14.60 2.97
C ALA B 129 -5.23 15.55 3.78
N ALA B 130 -6.53 15.23 3.95
CA ALA B 130 -7.41 16.09 4.75
C ALA B 130 -6.97 16.11 6.21
N ARG B 131 -6.57 14.94 6.72
CA ARG B 131 -6.09 14.85 8.11
C ARG B 131 -4.80 15.65 8.26
N TYR B 132 -3.98 15.67 7.22
CA TYR B 132 -2.75 16.48 7.23
C TYR B 132 -3.13 17.96 7.36
N LEU B 133 -4.15 18.39 6.61
CA LEU B 133 -4.61 19.78 6.72
C LEU B 133 -5.17 20.06 8.11
N MET B 134 -5.77 19.08 8.78
CA MET B 134 -6.33 19.22 10.11
C MET B 134 -5.29 19.10 11.22
N GLY B 135 -4.04 18.88 10.87
CA GLY B 135 -2.93 18.76 11.79
C GLY B 135 -2.79 17.42 12.49
N SER B 136 -3.54 16.40 12.09
CA SER B 136 -3.51 15.10 12.71
C SER B 136 -2.79 14.01 11.92
N MET B 137 -2.04 14.36 10.91
CA MET B 137 -1.26 13.39 10.14
C MET B 137 -0.03 14.12 9.60
N THR B 138 1.12 13.48 9.55
CA THR B 138 2.31 14.17 9.04
C THR B 138 2.30 14.06 7.52
N PRO B 139 2.95 14.98 6.82
CA PRO B 139 3.05 14.92 5.37
C PRO B 139 3.85 13.70 4.95
N GLN B 140 4.84 13.29 5.76
CA GLN B 140 5.62 12.09 5.42
C GLN B 140 4.71 10.86 5.36
N ALA B 141 3.81 10.74 6.33
CA ALA B 141 2.87 9.63 6.40
C ALA B 141 1.92 9.68 5.21
N VAL B 142 1.50 10.91 4.84
CA VAL B 142 0.59 10.99 3.66
C VAL B 142 1.32 10.44 2.44
N LEU B 143 2.59 10.85 2.27
CA LEU B 143 3.35 10.37 1.13
C LEU B 143 3.64 8.88 1.17
N ALA B 144 3.69 8.27 2.36
CA ALA B 144 3.89 6.83 2.46
C ALA B 144 2.64 6.14 1.90
N PHE B 145 1.46 6.67 2.21
CA PHE B 145 0.21 6.12 1.69
C PHE B 145 0.16 6.26 0.17
N VAL B 146 0.59 7.43 -0.32
CA VAL B 146 0.62 7.66 -1.76
C VAL B 146 1.51 6.66 -2.46
N ALA B 147 2.66 6.35 -1.87
CA ALA B 147 3.60 5.39 -2.45
C ALA B 147 3.01 4.00 -2.54
N LEU B 148 2.01 3.67 -1.74
CA LEU B 148 1.36 2.37 -1.72
C LEU B 148 0.10 2.30 -2.56
N ILE B 149 -0.32 3.39 -3.20
CA ILE B 149 -1.52 3.34 -4.03
C ILE B 149 -1.27 2.32 -5.14
N PRO B 150 -2.16 1.38 -5.32
CA PRO B 150 -1.98 0.35 -6.33
C PRO B 150 -1.99 0.92 -7.74
N PRO B 151 -1.26 0.30 -8.65
CA PRO B 151 -1.23 0.74 -10.05
C PRO B 151 -2.65 0.94 -10.54
N THR B 152 -2.88 2.02 -11.29
CA THR B 152 -4.22 2.34 -11.78
C THR B 152 -4.66 1.47 -12.94
N LEU B 153 -5.63 0.62 -12.69
CA LEU B 153 -6.16 -0.26 -13.73
C LEU B 153 -6.81 0.54 -14.85
N PRO B 154 -6.74 0.03 -16.07
CA PRO B 154 -7.37 0.69 -17.21
C PRO B 154 -8.85 0.85 -16.90
N GLY B 155 -9.53 1.82 -17.49
CA GLY B 155 -10.95 1.99 -17.25
C GLY B 155 -11.34 2.37 -15.83
N THR B 156 -10.48 3.12 -15.17
CA THR B 156 -10.79 3.58 -13.80
C THR B 156 -11.58 4.88 -13.91
N ASN B 157 -12.90 4.73 -13.86
CA ASN B 157 -13.80 5.88 -13.92
C ASN B 157 -14.15 6.30 -12.49
N ILE B 158 -13.80 7.52 -12.13
CA ILE B 158 -14.09 8.01 -10.79
C ILE B 158 -15.06 9.17 -10.87
N VAL B 159 -16.12 9.07 -10.07
CA VAL B 159 -17.14 10.11 -10.04
C VAL B 159 -17.04 10.89 -8.73
N LEU B 160 -16.71 12.17 -8.84
CA LEU B 160 -16.57 13.05 -7.68
C LEU B 160 -17.81 13.91 -7.56
N GLY B 161 -18.07 14.50 -6.40
CA GLY B 161 -19.28 15.27 -6.26
C GLY B 161 -19.14 16.75 -6.13
N ALA B 162 -20.16 17.46 -6.63
CA ALA B 162 -20.25 18.91 -6.54
C ALA B 162 -21.48 19.25 -5.69
N LEU B 163 -21.32 20.19 -4.77
CA LEU B 163 -22.43 20.57 -3.89
C LEU B 163 -22.04 21.75 -3.02
N PRO B 164 -22.74 22.88 -3.12
CA PRO B 164 -22.45 24.04 -2.32
C PRO B 164 -22.25 23.68 -0.85
N GLU B 165 -21.27 24.32 -0.22
CA GLU B 165 -20.96 24.09 1.18
C GLU B 165 -22.15 24.26 2.10
N ASP B 166 -22.98 25.28 1.89
CA ASP B 166 -24.15 25.49 2.74
C ASP B 166 -25.13 24.32 2.70
N ARG B 167 -25.41 23.81 1.51
CA ARG B 167 -26.34 22.69 1.36
C ARG B 167 -25.67 21.42 1.92
N HIS B 168 -24.36 21.32 1.73
CA HIS B 168 -23.60 20.18 2.24
C HIS B 168 -23.65 20.16 3.77
N ILE B 169 -23.34 21.31 4.37
CA ILE B 169 -23.39 21.46 5.83
C ILE B 169 -24.78 21.12 6.35
N ASP B 170 -25.80 21.65 5.69
CA ASP B 170 -27.18 21.39 6.05
C ASP B 170 -27.50 19.90 6.09
N ARG B 171 -27.07 19.19 5.06
CA ARG B 171 -27.29 17.75 4.95
C ARG B 171 -26.65 17.01 6.11
N LEU B 172 -25.43 17.38 6.47
CA LEU B 172 -24.71 16.76 7.56
C LEU B 172 -25.26 17.06 8.93
N ALA B 173 -25.90 18.19 9.18
CA ALA B 173 -26.47 18.54 10.46
C ALA B 173 -27.47 17.56 11.04
N LYS B 174 -27.69 16.40 10.49
CA LYS B 174 -28.50 15.28 10.78
C LYS B 174 -28.53 14.29 9.60
N ARG B 181 -19.01 14.24 14.48
CA ARG B 181 -19.27 15.22 15.53
C ARG B 181 -19.64 16.58 14.93
N LEU B 182 -19.81 16.59 13.63
CA LEU B 182 -20.12 17.77 12.84
C LEU B 182 -18.92 18.72 12.93
N ASP B 183 -17.84 18.21 12.38
CA ASP B 183 -16.56 18.91 12.31
C ASP B 183 -16.53 19.69 11.00
N LEU B 184 -16.83 20.98 11.06
CA LEU B 184 -16.84 21.84 9.90
C LEU B 184 -15.46 22.06 9.30
N ALA B 185 -14.43 22.03 10.15
CA ALA B 185 -13.06 22.22 9.66
C ALA B 185 -12.68 21.01 8.81
N MET B 186 -13.05 19.81 9.26
CA MET B 186 -12.76 18.60 8.52
C MET B 186 -13.59 18.56 7.23
N LEU B 187 -14.85 19.03 7.31
CA LEU B 187 -15.68 19.05 6.11
C LEU B 187 -15.04 19.95 5.05
N ALA B 188 -14.52 21.10 5.49
CA ALA B 188 -13.87 22.03 4.58
C ALA B 188 -12.59 21.43 4.01
N ALA B 189 -11.83 20.73 4.86
CA ALA B 189 -10.58 20.13 4.41
C ALA B 189 -10.81 19.05 3.35
N ILE B 190 -11.80 18.19 3.59
CA ILE B 190 -12.06 17.10 2.63
C ILE B 190 -12.61 17.65 1.33
N ARG B 191 -13.45 18.70 1.37
CA ARG B 191 -13.97 19.29 0.15
C ARG B 191 -12.82 19.89 -0.65
N ARG B 192 -11.89 20.54 0.05
CA ARG B 192 -10.73 21.13 -0.60
C ARG B 192 -9.86 20.06 -1.25
N VAL B 193 -9.62 18.98 -0.52
CA VAL B 193 -8.80 17.89 -1.06
C VAL B 193 -9.40 17.30 -2.31
N TYR B 194 -10.71 17.02 -2.32
CA TYR B 194 -11.35 16.48 -3.53
C TYR B 194 -11.37 17.51 -4.64
N GLY B 195 -11.45 18.78 -4.27
CA GLY B 195 -11.39 19.83 -5.32
C GLY B 195 -9.98 19.77 -5.93
N LEU B 196 -8.97 19.69 -5.06
CA LEU B 196 -7.59 19.59 -5.54
C LEU B 196 -7.41 18.36 -6.41
N LEU B 197 -7.95 17.22 -5.97
CA LEU B 197 -7.86 15.99 -6.73
C LEU B 197 -8.40 16.15 -8.14
N ALA B 198 -9.56 16.76 -8.35
CA ALA B 198 -10.10 16.92 -9.70
C ALA B 198 -9.14 17.76 -10.55
N ASN B 199 -8.64 18.85 -9.97
CA ASN B 199 -7.72 19.73 -10.66
C ASN B 199 -6.41 19.02 -11.02
N THR B 200 -5.96 18.12 -10.14
CA THR B 200 -4.72 17.39 -10.35
C THR B 200 -4.80 16.47 -11.55
N VAL B 201 -5.95 15.79 -11.70
CA VAL B 201 -6.13 14.91 -12.86
C VAL B 201 -6.10 15.74 -14.15
N ARG B 202 -6.85 16.84 -14.14
CA ARG B 202 -6.89 17.71 -15.33
C ARG B 202 -5.50 18.25 -15.66
N TYR B 203 -4.79 18.71 -14.64
CA TYR B 203 -3.43 19.21 -14.79
C TYR B 203 -2.54 18.18 -15.47
N LEU B 204 -2.55 16.94 -14.98
CA LEU B 204 -1.75 15.87 -15.55
C LEU B 204 -2.18 15.49 -16.95
N GLN B 205 -3.50 15.48 -17.20
CA GLN B 205 -4.02 15.12 -18.52
C GLN B 205 -3.77 16.22 -19.54
N CYS B 206 -3.49 17.44 -19.08
CA CYS B 206 -3.18 18.55 -19.98
C CYS B 206 -1.66 18.66 -20.18
N GLY B 207 -0.91 17.66 -19.73
CA GLY B 207 0.53 17.61 -19.87
C GLY B 207 1.34 18.26 -18.77
N GLY B 208 0.74 18.54 -17.62
CA GLY B 208 1.43 19.16 -16.50
C GLY B 208 2.55 18.29 -15.94
N SER B 209 3.68 18.92 -15.64
CA SER B 209 4.83 18.24 -15.07
C SER B 209 5.13 18.93 -13.74
N TRP B 210 4.84 18.27 -12.61
CA TRP B 210 5.06 18.91 -11.32
C TRP B 210 6.50 19.36 -11.13
N ARG B 211 7.48 18.59 -11.61
CA ARG B 211 8.89 18.96 -11.44
C ARG B 211 9.19 20.25 -12.19
N GLU B 212 8.57 20.39 -13.37
CA GLU B 212 8.76 21.59 -14.19
C GLU B 212 8.13 22.83 -13.56
N ASP B 213 6.98 22.66 -12.91
CA ASP B 213 6.28 23.78 -12.30
C ASP B 213 6.45 23.93 -10.81
N TRP B 214 7.25 23.10 -10.14
CA TRP B 214 7.44 23.21 -8.69
C TRP B 214 7.75 24.62 -8.21
N GLY B 215 8.57 25.37 -8.94
CA GLY B 215 8.96 26.72 -8.65
C GLY B 215 7.84 27.73 -8.64
N GLN B 216 6.70 27.43 -9.26
CA GLN B 216 5.56 28.34 -9.29
C GLN B 216 4.76 28.33 -8.01
N LEU B 217 5.10 27.45 -7.08
CA LEU B 217 4.42 27.36 -5.80
C LEU B 217 4.93 28.41 -4.82
N SER B 218 3.98 29.06 -4.13
CA SER B 218 4.31 30.07 -3.14
C SER B 218 3.01 30.60 -2.53
N GLY B 219 3.05 31.00 -1.27
CA GLY B 219 1.86 31.51 -0.59
C GLY B 219 1.73 30.93 0.81
N PRO B 229 -13.80 23.13 -9.38
CA PRO B 229 -12.94 22.20 -10.11
C PRO B 229 -13.64 21.50 -11.25
N GLN B 230 -12.85 21.10 -12.24
CA GLN B 230 -13.27 20.40 -13.43
C GLN B 230 -12.17 19.36 -13.78
N SER B 231 -12.51 18.10 -13.62
CA SER B 231 -11.59 17.00 -13.85
C SER B 231 -11.42 16.54 -15.29
N ASN B 232 -12.37 16.90 -16.17
CA ASN B 232 -12.27 16.46 -17.56
C ASN B 232 -12.63 17.56 -18.54
N ALA B 233 -12.67 18.80 -18.04
CA ALA B 233 -12.99 19.94 -18.88
C ALA B 233 -12.17 21.15 -18.43
N GLY B 234 -12.13 22.17 -19.27
CA GLY B 234 -11.39 23.37 -18.94
C GLY B 234 -9.92 23.36 -19.30
N PRO B 235 -9.28 24.49 -18.98
CA PRO B 235 -7.87 24.68 -19.26
C PRO B 235 -7.01 24.02 -18.18
N ARG B 236 -5.71 24.09 -18.41
CA ARG B 236 -4.76 23.52 -17.44
C ARG B 236 -4.70 24.38 -16.20
N PRO B 237 -4.95 23.77 -15.06
CA PRO B 237 -4.90 24.44 -13.77
C PRO B 237 -3.46 24.78 -13.38
N HIS B 238 -3.33 25.79 -12.54
CA HIS B 238 -2.01 26.17 -12.03
C HIS B 238 -1.62 25.08 -11.02
N ILE B 239 -0.35 24.77 -10.86
CA ILE B 239 0.05 23.72 -9.91
C ILE B 239 -0.39 24.02 -8.51
N GLY B 240 -0.52 25.30 -8.14
CA GLY B 240 -0.99 25.77 -6.86
C GLY B 240 -2.43 25.37 -6.57
N ASP B 241 -3.17 24.94 -7.58
CA ASP B 241 -4.54 24.50 -7.37
C ASP B 241 -4.65 22.99 -7.49
N THR B 242 -3.54 22.28 -7.36
CA THR B 242 -3.50 20.82 -7.44
C THR B 242 -3.02 20.24 -6.11
N LEU B 243 -3.02 18.90 -6.01
CA LEU B 243 -2.58 18.30 -4.73
C LEU B 243 -1.11 18.51 -4.46
N PHE B 244 -0.31 18.73 -5.49
CA PHE B 244 1.12 18.97 -5.32
C PHE B 244 1.42 20.08 -4.33
N THR B 245 0.62 21.15 -4.36
CA THR B 245 0.78 22.29 -3.46
C THR B 245 0.83 21.93 -2.00
N LEU B 246 0.16 20.86 -1.57
CA LEU B 246 0.15 20.44 -0.17
C LEU B 246 1.50 19.93 0.30
N PHE B 247 2.41 19.55 -0.58
CA PHE B 247 3.70 18.99 -0.18
C PHE B 247 4.85 19.95 -0.15
N ARG B 248 4.56 21.22 0.13
CA ARG B 248 5.57 22.28 0.22
C ARG B 248 6.08 22.40 1.66
N ALA B 249 5.52 21.61 2.56
CA ALA B 249 5.83 21.57 3.95
C ALA B 249 7.32 21.54 4.27
N PRO B 250 7.69 22.27 5.31
CA PRO B 250 9.07 22.38 5.76
C PRO B 250 9.70 21.05 6.09
N GLU B 251 8.92 20.09 6.59
CA GLU B 251 9.34 18.76 6.93
C GLU B 251 9.91 18.00 5.73
N LEU B 252 9.38 18.26 4.53
CA LEU B 252 9.80 17.58 3.33
C LEU B 252 10.94 18.22 2.58
N LEU B 253 11.36 19.39 3.00
CA LEU B 253 12.42 20.15 2.35
C LEU B 253 13.80 19.97 2.97
N ALA B 254 14.77 19.74 2.09
CA ALA B 254 16.16 19.59 2.49
C ALA B 254 16.75 20.98 2.74
N PRO B 255 17.97 21.03 3.25
CA PRO B 255 18.66 22.27 3.51
C PRO B 255 18.89 23.13 2.29
N ASN B 256 18.84 22.57 1.08
CA ASN B 256 19.02 23.37 -0.13
C ASN B 256 17.70 24.02 -0.54
N GLY B 257 16.59 23.58 0.03
CA GLY B 257 15.29 24.15 -0.26
C GLY B 257 14.36 23.26 -1.07
N ASP B 258 14.91 22.34 -1.84
CA ASP B 258 14.12 21.43 -2.65
C ASP B 258 13.65 20.25 -1.82
N LEU B 259 12.70 19.50 -2.37
CA LEU B 259 12.18 18.32 -1.69
C LEU B 259 13.26 17.24 -1.63
N TYR B 260 13.22 16.44 -0.55
CA TYR B 260 14.19 15.33 -0.53
C TYR B 260 13.75 14.43 -1.69
N ASN B 261 14.67 13.71 -2.29
CA ASN B 261 14.31 12.83 -3.40
C ASN B 261 13.27 11.80 -3.04
N VAL B 262 13.28 11.26 -1.81
CA VAL B 262 12.31 10.28 -1.41
C VAL B 262 10.86 10.81 -1.61
N PHE B 263 10.65 12.05 -1.19
CA PHE B 263 9.32 12.64 -1.29
C PHE B 263 9.00 13.03 -2.72
N ALA B 264 10.03 13.38 -3.48
CA ALA B 264 9.87 13.73 -4.88
C ALA B 264 9.41 12.50 -5.66
N TRP B 265 10.01 11.35 -5.35
CA TRP B 265 9.61 10.11 -6.00
C TRP B 265 8.16 9.77 -5.67
N ALA B 266 7.69 10.07 -4.46
CA ALA B 266 6.30 9.80 -4.09
C ALA B 266 5.37 10.71 -4.92
N LEU B 267 5.83 11.93 -5.20
CA LEU B 267 4.98 12.81 -6.04
C LEU B 267 4.98 12.26 -7.45
N ASP B 268 6.09 11.62 -7.87
CA ASP B 268 6.15 11.01 -9.18
C ASP B 268 5.11 9.87 -9.26
N VAL B 269 4.98 9.14 -8.15
CA VAL B 269 4.01 8.05 -8.10
C VAL B 269 2.59 8.63 -8.13
N LEU B 270 2.38 9.72 -7.38
CA LEU B 270 1.07 10.37 -7.38
C LEU B 270 0.67 10.76 -8.81
N ALA B 271 1.61 11.34 -9.54
CA ALA B 271 1.39 11.78 -10.92
C ALA B 271 1.01 10.63 -11.82
N LYS B 272 1.75 9.53 -11.69
CA LYS B 272 1.53 8.32 -12.48
C LYS B 272 0.18 7.70 -12.20
N ARG B 273 -0.18 7.56 -10.93
CA ARG B 273 -1.46 6.95 -10.56
C ARG B 273 -2.66 7.77 -11.00
N LEU B 274 -2.59 9.09 -10.83
CA LEU B 274 -3.73 9.93 -11.21
C LEU B 274 -3.84 10.26 -12.68
N ARG B 275 -2.76 10.33 -13.45
CA ARG B 275 -2.84 10.73 -14.85
C ARG B 275 -3.72 9.87 -15.72
N SER B 276 -3.81 8.57 -15.46
CA SER B 276 -4.59 7.67 -16.28
C SER B 276 -6.04 7.50 -15.81
N MET B 277 -6.46 8.19 -14.76
CA MET B 277 -7.83 8.05 -14.30
C MET B 277 -8.78 8.89 -15.15
N HIS B 278 -10.05 8.50 -15.15
CA HIS B 278 -11.08 9.18 -15.92
C HIS B 278 -12.07 9.75 -14.90
N VAL B 279 -11.93 11.05 -14.63
CA VAL B 279 -12.78 11.67 -13.61
C VAL B 279 -13.97 12.42 -14.16
N PHE B 280 -15.11 12.27 -13.47
CA PHE B 280 -16.35 12.91 -13.85
C PHE B 280 -16.90 13.60 -12.60
N ILE B 281 -17.66 14.66 -12.84
CA ILE B 281 -18.23 15.41 -11.73
C ILE B 281 -19.75 15.30 -11.79
N LEU B 282 -20.33 14.85 -10.68
CA LEU B 282 -21.76 14.67 -10.54
C LEU B 282 -22.33 15.75 -9.63
N ASP B 283 -23.36 16.46 -10.07
CA ASP B 283 -23.97 17.52 -9.24
C ASP B 283 -24.98 16.91 -8.28
N TYR B 284 -24.67 16.94 -6.99
CA TYR B 284 -25.57 16.42 -5.98
C TYR B 284 -26.58 17.44 -5.47
N ASP B 285 -26.61 18.64 -6.02
CA ASP B 285 -27.55 19.67 -5.54
C ASP B 285 -28.91 19.48 -6.24
N GLN B 286 -29.56 18.36 -5.94
CA GLN B 286 -30.85 18.00 -6.54
C GLN B 286 -31.43 16.80 -5.83
N SER B 287 -32.68 16.46 -6.10
CA SER B 287 -33.32 15.32 -5.45
C SER B 287 -32.58 14.01 -5.76
N PRO B 288 -32.86 13.00 -4.96
CA PRO B 288 -32.25 11.69 -5.15
C PRO B 288 -32.49 11.15 -6.54
N ALA B 289 -33.70 11.20 -7.10
CA ALA B 289 -33.91 10.69 -8.46
C ALA B 289 -33.15 11.53 -9.49
N GLY B 290 -33.04 12.83 -9.21
CA GLY B 290 -32.31 13.75 -10.09
C GLY B 290 -30.84 13.34 -10.13
N CYS B 291 -30.26 13.07 -8.96
CA CYS B 291 -28.86 12.64 -8.92
C CYS B 291 -28.68 11.33 -9.69
N ARG B 292 -29.61 10.40 -9.49
CA ARG B 292 -29.60 9.12 -10.15
C ARG B 292 -29.61 9.25 -11.67
N ASP B 293 -30.54 10.05 -12.22
CA ASP B 293 -30.64 10.20 -13.67
C ASP B 293 -29.46 10.96 -14.21
N ALA B 294 -28.86 11.82 -13.38
CA ALA B 294 -27.66 12.57 -13.81
C ALA B 294 -26.48 11.60 -13.86
N LEU B 295 -26.36 10.74 -12.86
CA LEU B 295 -25.29 9.76 -12.82
C LEU B 295 -25.42 8.81 -14.00
N LEU B 296 -26.66 8.41 -14.28
CA LEU B 296 -26.94 7.55 -15.41
C LEU B 296 -26.52 8.22 -16.72
N GLN B 297 -26.57 9.53 -16.85
CA GLN B 297 -26.18 10.22 -18.08
C GLN B 297 -24.65 10.17 -18.21
N LEU B 298 -23.98 10.40 -17.11
CA LEU B 298 -22.52 10.42 -16.98
C LEU B 298 -21.93 9.06 -17.34
N THR B 299 -22.55 7.96 -16.90
CA THR B 299 -22.02 6.64 -17.23
C THR B 299 -21.89 6.39 -18.73
N SER B 300 -22.69 7.02 -19.58
CA SER B 300 -22.60 6.86 -21.02
C SER B 300 -21.25 7.18 -21.61
N GLY B 301 -20.57 8.22 -21.12
CA GLY B 301 -19.27 8.61 -21.62
C GLY B 301 -18.10 7.99 -20.85
N MET B 302 -18.35 6.96 -20.05
CA MET B 302 -17.29 6.30 -19.30
C MET B 302 -16.64 5.16 -20.07
N VAL B 303 -15.37 4.91 -19.77
CA VAL B 303 -14.56 3.91 -20.40
C VAL B 303 -14.69 2.49 -19.86
N GLN B 304 -14.95 1.58 -20.78
CA GLN B 304 -15.09 0.17 -20.51
C GLN B 304 -13.76 -0.54 -20.79
N THR B 305 -13.61 -1.76 -20.28
CA THR B 305 -12.39 -2.51 -20.55
C THR B 305 -12.78 -3.93 -20.98
N HIS B 306 -11.85 -4.58 -21.66
CA HIS B 306 -12.11 -5.99 -22.03
C HIS B 306 -11.72 -6.76 -20.77
N VAL B 307 -12.08 -8.02 -20.68
CA VAL B 307 -11.65 -8.81 -19.50
C VAL B 307 -10.56 -9.73 -20.02
N THR B 308 -9.76 -10.31 -19.14
CA THR B 308 -8.66 -11.16 -19.61
C THR B 308 -9.07 -12.55 -19.98
N THR B 309 -10.09 -13.13 -19.35
CA THR B 309 -10.54 -14.48 -19.66
C THR B 309 -12.03 -14.47 -19.99
N PRO B 310 -12.56 -15.60 -20.46
CA PRO B 310 -13.97 -15.71 -20.79
C PRO B 310 -14.83 -15.73 -19.54
N GLY B 311 -14.37 -16.47 -18.54
CA GLY B 311 -15.05 -16.63 -17.28
C GLY B 311 -14.77 -15.56 -16.24
N SER B 312 -14.22 -14.42 -16.65
CA SER B 312 -13.94 -13.33 -15.72
C SER B 312 -15.22 -12.62 -15.31
N ILE B 313 -16.18 -12.49 -16.24
CA ILE B 313 -17.44 -11.82 -15.88
C ILE B 313 -18.05 -12.49 -14.67
N PRO B 314 -18.36 -13.79 -14.75
CA PRO B 314 -18.90 -14.53 -13.64
C PRO B 314 -17.98 -14.47 -12.42
N THR B 315 -16.68 -14.63 -12.62
CA THR B 315 -15.72 -14.59 -11.52
C THR B 315 -15.80 -13.25 -10.78
N ILE B 316 -15.65 -12.15 -11.51
CA ILE B 316 -15.74 -10.81 -10.94
C ILE B 316 -17.08 -10.58 -10.26
N CYS B 317 -18.16 -11.01 -10.90
CA CYS B 317 -19.51 -10.85 -10.38
C CYS B 317 -19.71 -11.46 -9.01
N ASP B 318 -19.21 -12.68 -8.79
CA ASP B 318 -19.36 -13.32 -7.48
C ASP B 318 -18.46 -12.67 -6.45
N LEU B 319 -17.27 -12.21 -6.88
CA LEU B 319 -16.38 -11.53 -5.94
C LEU B 319 -17.14 -10.32 -5.37
N ALA B 320 -17.75 -9.54 -6.29
CA ALA B 320 -18.52 -8.37 -5.91
C ALA B 320 -19.67 -8.73 -5.00
N ARG B 321 -20.44 -9.77 -5.34
CA ARG B 321 -21.58 -10.14 -4.50
C ARG B 321 -21.13 -10.52 -3.10
N THR B 322 -20.12 -11.37 -3.01
CA THR B 322 -19.52 -11.83 -1.76
C THR B 322 -19.17 -10.66 -0.86
N PHE B 323 -18.40 -9.71 -1.41
CA PHE B 323 -18.02 -8.52 -0.69
C PHE B 323 -19.25 -7.80 -0.16
N ALA B 324 -20.21 -7.60 -1.08
CA ALA B 324 -21.45 -6.95 -0.76
C ALA B 324 -22.15 -7.64 0.40
N ARG B 325 -22.33 -8.96 0.29
CA ARG B 325 -22.98 -9.77 1.31
C ARG B 325 -22.29 -9.74 2.66
N GLU B 326 -20.96 -9.74 2.70
CA GLU B 326 -20.23 -9.75 3.96
C GLU B 326 -19.97 -8.43 4.63
N MET B 327 -19.56 -7.40 3.90
CA MET B 327 -19.21 -6.13 4.52
C MET B 327 -20.14 -4.99 4.15
N GLY B 328 -21.44 -5.18 4.34
CA GLY B 328 -22.41 -4.16 4.03
C GLY B 328 -23.76 -4.72 3.61
N GLU B 329 -24.49 -5.30 4.57
CA GLU B 329 -25.80 -5.89 4.37
C GLU B 329 -25.94 -7.14 5.26
#